data_2YU2
#
_entry.id   2YU2
#
_cell.length_a   81.150
_cell.length_b   81.150
_cell.length_c   124.470
_cell.angle_alpha   90.00
_cell.angle_beta   90.00
_cell.angle_gamma   120.00
#
_symmetry.space_group_name_H-M   'P 31 2 1'
#
loop_
_entity.id
_entity.type
_entity.pdbx_description
1 polymer 'JmjC domain-containing histone demethylation protein 1A'
2 non-polymer 'FE (II) ION'
3 water water
#
_entity_poly.entity_id   1
_entity_poly.type   'polypeptide(L)'
_entity_poly.pdbx_seq_one_letter_code
;MEPEEERIRYSQRLRGTMRRRYEDDGISDDEIEGKRTFDLEEKLHTNKYNANFVTFMEGKDFNVEYIQRGGLRDPLIFKN
SDGLGIKMPDPDFTVNDVKMCVGSRRMVDVMDVNTQKGIEMTMAQWTRYYETPEEEREKLYNVISLEFSHTRLENMVQRP
STVDFIDWVDNMWPRHLKESQTESTNAILEMQYPKVQKYCLMSVRGCYTDFHVDFGGTSVWYHIHQGGKVFWLIPPTAHN
LELYENWLLSGSQGDIFLGDRVSDCQRIELKQGYTFVIPSGWIHAVYTPTDTLVFGGNFLHSFNIPMQLKIYNIEDRTRV
PNKFRYPFYYEMCWYVLERYVYCITNRSHLTKEFQKESLSMDLELNGLESGNGDEEAVDREPRQVHLTHFELEGLRCLVD
KLESLPLHKKCVPTGIEDEDALIADVKILLEELANSDPKLALTGVPIVQWP
;
_entity_poly.pdbx_strand_id   A
#
# COMPACT_ATOMS: atom_id res chain seq x y z
N GLY A 34 -2.96 -12.20 17.15
CA GLY A 34 -3.42 -13.25 18.15
C GLY A 34 -2.48 -14.44 18.12
N LYS A 35 -3.08 -15.61 17.90
CA LYS A 35 -2.45 -16.93 17.86
C LYS A 35 -2.79 -17.55 19.20
N ARG A 36 -3.52 -16.78 20.00
CA ARG A 36 -3.94 -17.16 21.34
C ARG A 36 -4.84 -18.38 21.41
N THR A 37 -6.14 -18.14 21.31
CA THR A 37 -7.15 -19.19 21.40
C THR A 37 -7.19 -20.23 20.30
N PHE A 38 -7.35 -19.77 19.06
CA PHE A 38 -7.44 -20.67 17.91
C PHE A 38 -6.11 -21.32 17.51
N ASP A 39 -6.17 -22.58 17.10
CA ASP A 39 -4.97 -23.27 16.69
C ASP A 39 -4.50 -22.74 15.35
N LEU A 40 -3.44 -21.94 15.35
CA LEU A 40 -2.91 -21.39 14.13
C LEU A 40 -2.40 -22.57 13.30
N GLU A 41 -1.80 -23.53 13.99
CA GLU A 41 -1.25 -24.71 13.34
C GLU A 41 -2.28 -25.40 12.45
N GLU A 42 -3.53 -25.42 12.93
CA GLU A 42 -4.62 -26.01 12.19
C GLU A 42 -4.93 -25.17 10.96
N LYS A 43 -4.99 -23.85 11.16
CA LYS A 43 -5.28 -22.90 10.09
C LYS A 43 -4.25 -23.01 8.97
N LEU A 44 -3.05 -23.46 9.31
CA LEU A 44 -1.94 -23.60 8.36
C LEU A 44 -1.95 -24.86 7.50
N HIS A 45 -2.57 -25.94 7.99
CA HIS A 45 -2.57 -27.19 7.27
C HIS A 45 -3.93 -27.71 6.82
N THR A 46 -5.01 -27.31 7.48
CA THR A 46 -6.30 -27.77 7.01
C THR A 46 -6.32 -27.25 5.59
N ASN A 47 -6.79 -28.04 4.63
CA ASN A 47 -6.83 -27.58 3.24
C ASN A 47 -8.24 -27.10 2.97
N LYS A 48 -8.69 -26.09 3.71
CA LYS A 48 -10.05 -25.59 3.54
C LYS A 48 -10.21 -24.14 3.08
N TYR A 49 -9.14 -23.36 3.12
CA TYR A 49 -9.25 -21.97 2.67
C TYR A 49 -8.86 -22.02 1.18
N ASN A 50 -9.66 -22.76 0.44
CA ASN A 50 -9.51 -22.99 -1.00
C ASN A 50 -10.08 -21.93 -1.96
N ALA A 51 -10.50 -20.78 -1.46
CA ALA A 51 -11.03 -19.78 -2.38
C ALA A 51 -10.01 -19.53 -3.51
N ASN A 52 -10.46 -19.02 -4.65
CA ASN A 52 -9.59 -18.75 -5.79
C ASN A 52 -9.59 -17.24 -6.10
N PHE A 53 -8.89 -16.47 -5.27
CA PHE A 53 -8.81 -15.02 -5.42
C PHE A 53 -7.58 -14.56 -6.17
N VAL A 54 -6.43 -15.14 -5.83
CA VAL A 54 -5.17 -14.76 -6.46
C VAL A 54 -5.06 -15.15 -7.92
N THR A 55 -4.60 -14.20 -8.73
CA THR A 55 -4.43 -14.38 -10.17
C THR A 55 -2.95 -14.53 -10.46
N PHE A 56 -2.54 -15.63 -11.08
CA PHE A 56 -1.13 -15.82 -11.42
C PHE A 56 -0.90 -15.29 -12.83
N MET A 57 0.15 -14.49 -13.02
CA MET A 57 0.43 -13.92 -14.34
C MET A 57 1.88 -13.53 -14.55
N GLU A 58 2.22 -13.24 -15.80
CA GLU A 58 3.58 -12.84 -16.15
C GLU A 58 3.76 -11.33 -16.07
N GLY A 59 4.82 -10.90 -15.41
CA GLY A 59 5.10 -9.49 -15.25
C GLY A 59 4.95 -8.67 -16.51
N LYS A 60 5.28 -9.25 -17.66
CA LYS A 60 5.17 -8.51 -18.91
C LYS A 60 3.72 -8.07 -19.07
N ASP A 61 2.80 -8.93 -18.65
CA ASP A 61 1.37 -8.63 -18.76
C ASP A 61 0.87 -7.53 -17.80
N PHE A 62 1.72 -7.14 -16.85
CA PHE A 62 1.35 -6.14 -15.85
C PHE A 62 1.66 -4.70 -16.25
N ASN A 63 0.90 -4.19 -17.21
CA ASN A 63 1.07 -2.83 -17.71
C ASN A 63 -0.12 -1.95 -17.28
N VAL A 64 0.03 -0.64 -17.49
CA VAL A 64 -1.00 0.32 -17.12
C VAL A 64 -2.37 0.02 -17.71
N GLU A 65 -2.41 -0.52 -18.93
CA GLU A 65 -3.69 -0.84 -19.55
C GLU A 65 -4.44 -1.85 -18.70
N TYR A 66 -3.68 -2.79 -18.14
CA TYR A 66 -4.22 -3.83 -17.28
C TYR A 66 -5.01 -3.12 -16.16
N ILE A 67 -4.36 -2.14 -15.53
CA ILE A 67 -4.95 -1.36 -14.44
C ILE A 67 -6.23 -0.63 -14.88
N GLN A 68 -6.19 -0.02 -16.06
CA GLN A 68 -7.36 0.70 -16.60
C GLN A 68 -8.43 -0.31 -16.97
N ARG A 69 -8.00 -1.52 -17.29
CA ARG A 69 -8.96 -2.50 -17.65
C ARG A 69 -9.56 -3.15 -16.41
N GLY A 70 -8.74 -3.47 -15.41
CA GLY A 70 -9.26 -4.10 -14.21
C GLY A 70 -9.38 -3.25 -12.95
N GLY A 71 -8.61 -2.17 -12.83
CA GLY A 71 -8.68 -1.34 -11.64
C GLY A 71 -7.93 -1.93 -10.45
N LEU A 72 -6.85 -2.66 -10.74
CA LEU A 72 -6.05 -3.32 -9.73
C LEU A 72 -6.94 -3.85 -8.61
N ARG A 73 -7.90 -4.68 -8.98
CA ARG A 73 -8.84 -5.28 -8.05
C ARG A 73 -8.51 -6.72 -7.67
N ASP A 74 -7.53 -7.31 -8.32
CA ASP A 74 -7.19 -8.69 -8.03
C ASP A 74 -5.81 -8.81 -7.45
N PRO A 75 -5.65 -9.65 -6.44
CA PRO A 75 -4.31 -9.79 -5.88
C PRO A 75 -3.49 -10.55 -6.91
N LEU A 76 -2.26 -10.11 -7.15
CA LEU A 76 -1.42 -10.77 -8.14
C LEU A 76 -0.19 -11.44 -7.55
N ILE A 77 0.18 -12.57 -8.15
CA ILE A 77 1.39 -13.30 -7.76
C ILE A 77 2.22 -13.65 -8.99
N PHE A 78 3.40 -13.02 -9.09
CA PHE A 78 4.30 -13.30 -10.21
C PHE A 78 5.38 -14.24 -9.69
N LYS A 79 5.60 -15.32 -10.41
CA LYS A 79 6.64 -16.26 -9.98
C LYS A 79 8.00 -15.75 -10.46
N ASN A 80 8.10 -15.37 -11.75
CA ASN A 80 9.34 -14.83 -12.28
C ASN A 80 9.31 -13.33 -12.12
N SER A 81 10.38 -12.77 -11.57
CA SER A 81 10.46 -11.33 -11.41
C SER A 81 10.66 -10.71 -12.80
N ASP A 82 10.67 -11.57 -13.82
CA ASP A 82 10.85 -11.11 -15.19
C ASP A 82 9.66 -10.36 -15.76
N GLY A 83 9.95 -9.23 -16.41
CA GLY A 83 8.92 -8.43 -17.03
C GLY A 83 8.37 -7.34 -16.13
N LEU A 84 8.70 -7.42 -14.84
CA LEU A 84 8.23 -6.46 -13.86
C LEU A 84 9.08 -5.22 -13.71
N GLY A 85 10.29 -5.27 -14.28
CA GLY A 85 11.20 -4.14 -14.19
C GLY A 85 11.69 -3.92 -12.77
N ILE A 86 11.70 -4.99 -11.98
CA ILE A 86 12.15 -4.87 -10.61
C ILE A 86 13.63 -5.14 -10.53
N LYS A 87 14.25 -4.61 -9.49
CA LYS A 87 15.66 -4.83 -9.26
C LYS A 87 15.79 -5.05 -7.77
N MET A 88 16.48 -6.12 -7.42
CA MET A 88 16.71 -6.49 -6.04
C MET A 88 18.17 -6.87 -5.87
N PRO A 89 18.68 -6.76 -4.64
CA PRO A 89 20.08 -7.11 -4.37
C PRO A 89 20.45 -8.50 -4.86
N ASP A 90 21.73 -8.84 -4.73
CA ASP A 90 22.18 -10.17 -5.10
C ASP A 90 21.50 -11.04 -4.06
N PRO A 91 20.94 -12.19 -4.47
CA PRO A 91 20.22 -13.17 -3.64
C PRO A 91 20.86 -13.56 -2.29
N ASP A 92 22.18 -13.54 -2.19
CA ASP A 92 22.80 -13.91 -0.92
C ASP A 92 22.68 -12.86 0.18
N PHE A 93 22.14 -11.70 -0.19
CA PHE A 93 21.93 -10.59 0.72
C PHE A 93 21.26 -11.08 2.01
N THR A 94 21.75 -10.63 3.16
CA THR A 94 21.21 -11.06 4.45
C THR A 94 20.64 -9.91 5.31
N VAL A 95 20.31 -10.22 6.56
CA VAL A 95 19.74 -9.26 7.50
C VAL A 95 20.70 -8.17 7.94
N ASN A 96 21.96 -8.53 8.18
CA ASN A 96 22.95 -7.54 8.60
C ASN A 96 23.38 -6.66 7.45
N ASP A 97 23.38 -7.23 6.24
CA ASP A 97 23.71 -6.50 5.03
C ASP A 97 22.70 -5.35 4.92
N VAL A 98 21.63 -5.49 5.69
CA VAL A 98 20.55 -4.51 5.77
C VAL A 98 20.93 -3.55 6.90
N LYS A 99 21.36 -4.15 8.01
CA LYS A 99 21.69 -3.38 9.21
C LYS A 99 23.04 -2.70 9.10
N MET A 100 23.79 -3.07 8.06
CA MET A 100 25.08 -2.43 7.81
C MET A 100 24.66 -1.14 7.09
N CYS A 101 23.88 -1.30 6.03
CA CYS A 101 23.43 -0.18 5.24
C CYS A 101 22.73 0.89 6.09
N VAL A 102 21.68 0.50 6.81
CA VAL A 102 20.98 1.47 7.68
C VAL A 102 21.74 1.54 9.00
N GLY A 103 22.84 0.79 9.03
CA GLY A 103 23.72 0.77 10.19
C GLY A 103 23.16 0.45 11.57
N SER A 104 24.04 -0.12 12.39
CA SER A 104 23.71 -0.49 13.76
C SER A 104 23.29 0.73 14.57
N ARG A 105 23.10 0.53 15.88
CA ARG A 105 22.67 1.62 16.79
C ARG A 105 21.41 2.35 16.29
N ARG A 106 20.89 1.93 15.13
CA ARG A 106 19.71 2.56 14.56
C ARG A 106 18.41 2.02 15.12
N MET A 107 17.69 2.82 15.90
CA MET A 107 16.39 2.41 16.47
C MET A 107 15.42 1.88 15.39
N VAL A 108 14.77 0.75 15.70
CA VAL A 108 13.79 0.10 14.81
C VAL A 108 12.55 -0.31 15.62
N ASP A 109 11.38 -0.16 15.00
CA ASP A 109 10.13 -0.50 15.65
C ASP A 109 9.82 -1.99 15.69
N VAL A 110 10.46 -2.71 16.59
CA VAL A 110 10.21 -4.13 16.71
C VAL A 110 9.07 -4.33 17.71
N MET A 111 8.35 -5.45 17.56
CA MET A 111 7.23 -5.78 18.43
C MET A 111 7.14 -7.29 18.69
N ASP A 112 6.89 -7.66 19.93
CA ASP A 112 6.79 -9.08 20.27
C ASP A 112 5.43 -9.62 19.86
N VAL A 113 5.41 -10.35 18.75
CA VAL A 113 4.19 -10.94 18.19
C VAL A 113 3.45 -11.86 19.16
N ASN A 114 3.64 -11.61 20.46
CA ASN A 114 3.00 -12.39 21.52
C ASN A 114 2.03 -11.51 22.29
N THR A 115 1.84 -10.29 21.78
CA THR A 115 0.94 -9.30 22.36
C THR A 115 0.98 -8.07 21.47
N GLN A 116 1.97 -7.20 21.71
CA GLN A 116 2.15 -5.98 20.93
C GLN A 116 3.21 -5.02 21.47
N LYS A 117 3.71 -4.20 20.55
CA LYS A 117 4.72 -3.17 20.80
C LYS A 117 5.82 -3.45 21.82
N GLY A 118 7.05 -3.25 21.39
CA GLY A 118 8.23 -3.46 22.22
C GLY A 118 9.42 -3.03 21.39
N ILE A 119 9.24 -1.89 20.70
CA ILE A 119 10.25 -1.29 19.77
C ILE A 119 11.60 -0.80 20.40
N GLU A 120 11.94 -1.38 21.53
CA GLU A 120 13.15 -1.01 22.26
C GLU A 120 14.45 -1.51 21.65
N MET A 121 14.60 -1.43 20.33
CA MET A 121 15.85 -1.90 19.74
C MET A 121 16.24 -1.34 18.40
N THR A 122 17.52 -1.50 18.08
CA THR A 122 18.11 -1.01 16.85
C THR A 122 18.55 -2.14 15.93
N MET A 123 19.05 -1.78 14.75
CA MET A 123 19.53 -2.78 13.81
C MET A 123 20.62 -3.56 14.49
N ALA A 124 21.41 -2.84 15.27
CA ALA A 124 22.48 -3.51 16.01
C ALA A 124 21.93 -4.63 16.89
N GLN A 125 21.02 -4.27 17.77
CA GLN A 125 20.40 -5.19 18.70
C GLN A 125 19.50 -6.24 18.02
N TRP A 126 18.89 -5.90 16.89
CA TRP A 126 18.01 -6.85 16.19
C TRP A 126 18.64 -7.93 15.26
N THR A 127 19.76 -7.62 14.59
CA THR A 127 20.42 -8.61 13.71
C THR A 127 21.04 -9.60 14.64
N ARG A 128 21.16 -9.19 15.90
CA ARG A 128 21.73 -10.09 16.88
C ARG A 128 20.65 -11.00 17.37
N TYR A 129 19.44 -10.80 16.88
CA TYR A 129 18.29 -11.60 17.29
C TYR A 129 17.88 -12.52 16.16
N TYR A 130 17.97 -12.02 14.94
CA TYR A 130 17.61 -12.80 13.77
C TYR A 130 18.47 -14.05 13.68
N GLU A 131 19.74 -13.89 13.99
CA GLU A 131 20.67 -14.99 13.89
C GLU A 131 20.72 -15.85 15.13
N THR A 132 19.84 -15.55 16.09
CA THR A 132 19.79 -16.34 17.33
C THR A 132 19.04 -17.66 17.08
N PRO A 133 19.75 -18.80 17.06
CA PRO A 133 19.02 -20.05 16.82
C PRO A 133 17.66 -20.07 17.50
N GLU A 134 16.66 -20.56 16.78
CA GLU A 134 15.29 -20.63 17.25
C GLU A 134 15.07 -21.05 18.71
N GLU A 135 15.60 -22.20 19.11
CA GLU A 135 15.42 -22.69 20.47
C GLU A 135 15.94 -21.69 21.51
N GLU A 136 17.16 -21.22 21.33
CA GLU A 136 17.72 -20.26 22.28
C GLU A 136 16.77 -19.07 22.32
N ARG A 137 16.43 -18.55 21.14
CA ARG A 137 15.53 -17.41 20.94
C ARG A 137 14.53 -17.28 22.09
N GLU A 138 14.55 -16.13 22.76
CA GLU A 138 13.68 -15.87 23.91
C GLU A 138 12.28 -15.37 23.57
N LYS A 139 12.23 -14.21 22.92
CA LYS A 139 10.95 -13.60 22.52
C LYS A 139 10.60 -14.01 21.09
N LEU A 140 9.53 -13.42 20.58
CA LEU A 140 9.12 -13.66 19.20
C LEU A 140 8.99 -12.25 18.62
N TYR A 141 9.95 -11.89 17.77
CA TYR A 141 9.95 -10.56 17.19
C TYR A 141 9.69 -10.51 15.70
N ASN A 142 9.26 -9.34 15.25
CA ASN A 142 8.95 -9.13 13.86
C ASN A 142 9.14 -7.66 13.50
N VAL A 143 9.75 -7.42 12.34
CA VAL A 143 9.98 -6.06 11.88
C VAL A 143 9.33 -5.89 10.52
N ILE A 144 8.09 -5.39 10.54
CA ILE A 144 7.33 -5.17 9.31
C ILE A 144 7.21 -3.72 8.87
N SER A 145 7.92 -2.80 9.50
CA SER A 145 7.79 -1.38 9.15
C SER A 145 9.04 -0.56 8.84
N LEU A 146 10.15 -1.22 8.51
CA LEU A 146 11.39 -0.51 8.15
C LEU A 146 11.31 0.02 6.72
N GLU A 147 11.04 1.33 6.60
CA GLU A 147 10.96 1.99 5.30
C GLU A 147 12.33 2.67 5.04
N PHE A 148 13.18 2.03 4.25
CA PHE A 148 14.54 2.51 3.96
C PHE A 148 14.79 3.51 2.83
N SER A 149 13.77 3.90 2.07
CA SER A 149 13.99 4.86 0.99
C SER A 149 15.05 5.89 1.39
N HIS A 150 15.23 6.13 2.71
CA HIS A 150 16.23 7.10 3.16
C HIS A 150 17.63 6.59 2.81
N THR A 151 17.92 5.36 3.21
CA THR A 151 19.23 4.76 3.02
C THR A 151 19.67 4.34 1.60
N ARG A 152 20.97 4.35 1.39
CA ARG A 152 21.59 3.98 0.13
C ARG A 152 20.85 2.79 -0.55
N LEU A 153 20.50 1.78 0.23
CA LEU A 153 19.77 0.61 -0.28
C LEU A 153 18.74 0.94 -1.37
N GLU A 154 18.22 2.17 -1.35
CA GLU A 154 17.21 2.62 -2.31
C GLU A 154 17.55 2.32 -3.77
N ASN A 155 18.68 2.84 -4.26
CA ASN A 155 19.08 2.59 -5.64
C ASN A 155 19.70 1.20 -5.74
N MET A 156 19.11 0.28 -4.98
CA MET A 156 19.59 -1.09 -4.92
C MET A 156 18.34 -1.95 -4.95
N VAL A 157 17.21 -1.29 -4.71
CA VAL A 157 15.90 -1.91 -4.67
C VAL A 157 14.83 -1.06 -5.37
N GLN A 158 14.35 -1.50 -6.53
CA GLN A 158 13.31 -0.76 -7.22
C GLN A 158 12.08 -1.58 -7.56
N ARG A 159 10.94 -1.00 -7.22
CA ARG A 159 9.63 -1.60 -7.45
C ARG A 159 9.29 -1.73 -8.93
N PRO A 160 8.30 -2.58 -9.25
CA PRO A 160 7.89 -2.80 -10.64
C PRO A 160 7.47 -1.49 -11.30
N SER A 161 8.05 -1.20 -12.46
CA SER A 161 7.73 0.04 -13.15
C SER A 161 6.24 0.40 -13.28
N THR A 162 5.37 -0.60 -13.41
CA THR A 162 3.95 -0.28 -13.52
C THR A 162 3.50 0.51 -12.29
N VAL A 163 4.03 0.14 -11.12
CA VAL A 163 3.72 0.81 -9.88
C VAL A 163 4.30 2.23 -9.85
N ASP A 164 5.30 2.48 -10.68
CA ASP A 164 5.90 3.82 -10.71
C ASP A 164 5.08 4.74 -11.59
N PHE A 165 4.20 4.14 -12.40
CA PHE A 165 3.32 4.89 -13.29
C PHE A 165 2.06 5.37 -12.57
N ILE A 166 1.49 4.51 -11.74
CA ILE A 166 0.27 4.83 -11.01
C ILE A 166 0.36 5.29 -9.57
N ASP A 167 1.56 5.35 -8.99
CA ASP A 167 1.73 5.76 -7.60
C ASP A 167 1.45 7.24 -7.34
N TRP A 168 0.59 7.48 -6.36
CA TRP A 168 0.19 8.84 -5.98
C TRP A 168 1.28 9.71 -5.41
N VAL A 169 2.46 9.14 -5.14
CA VAL A 169 3.53 9.97 -4.58
C VAL A 169 4.43 10.54 -5.67
N ASP A 170 4.98 9.69 -6.50
CA ASP A 170 5.84 10.14 -7.59
C ASP A 170 5.10 11.00 -8.57
N ASN A 171 3.87 10.63 -8.88
CA ASN A 171 3.06 11.33 -9.87
C ASN A 171 2.13 12.44 -9.39
N MET A 172 1.74 12.43 -8.11
CA MET A 172 0.81 13.44 -7.60
C MET A 172 1.42 14.56 -6.77
N TRP A 173 2.19 14.21 -5.74
CA TRP A 173 2.83 15.20 -4.87
C TRP A 173 3.86 16.09 -5.59
N PRO A 174 3.82 17.41 -5.34
CA PRO A 174 4.78 18.32 -5.97
C PRO A 174 6.22 17.85 -5.73
N ARG A 175 6.94 17.61 -6.81
CA ARG A 175 8.31 17.11 -6.75
C ARG A 175 9.35 17.77 -5.84
N HIS A 176 9.46 19.09 -5.92
CA HIS A 176 10.46 19.77 -5.10
C HIS A 176 10.36 19.50 -3.60
N LEU A 177 9.36 18.72 -3.18
CA LEU A 177 9.20 18.43 -1.75
C LEU A 177 9.63 17.01 -1.35
N LYS A 178 10.51 16.41 -2.13
CA LYS A 178 10.98 15.06 -1.84
C LYS A 178 12.28 14.74 -2.60
N MET A 191 9.15 15.76 7.86
CA MET A 191 8.96 15.34 6.48
C MET A 191 7.88 16.17 5.81
N GLN A 192 7.76 16.02 4.50
CA GLN A 192 6.78 16.75 3.72
C GLN A 192 6.52 16.02 2.40
N TYR A 193 6.41 14.70 2.51
CA TYR A 193 6.14 13.81 1.39
C TYR A 193 5.94 12.44 2.05
N PRO A 194 4.69 11.94 2.07
CA PRO A 194 4.43 10.64 2.68
C PRO A 194 5.50 9.59 2.40
N LYS A 195 6.60 9.67 3.17
CA LYS A 195 7.71 8.76 3.04
C LYS A 195 7.22 7.40 3.51
N VAL A 196 6.54 6.69 2.62
CA VAL A 196 6.00 5.39 2.94
C VAL A 196 6.02 4.53 1.69
N GLN A 197 7.03 4.74 0.86
CA GLN A 197 7.11 3.98 -0.37
C GLN A 197 7.85 2.64 -0.28
N LYS A 198 9.13 2.67 0.07
CA LYS A 198 9.92 1.43 0.16
C LYS A 198 9.97 0.86 1.58
N TYR A 199 9.79 -0.45 1.70
CA TYR A 199 9.80 -1.15 2.98
C TYR A 199 10.66 -2.42 3.01
N CYS A 200 11.22 -2.73 4.17
CA CYS A 200 12.05 -3.92 4.33
C CYS A 200 11.50 -4.78 5.46
N LEU A 201 10.91 -5.91 5.10
CA LEU A 201 10.31 -6.85 6.06
C LEU A 201 11.31 -7.92 6.44
N MET A 202 11.45 -8.15 7.74
CA MET A 202 12.37 -9.16 8.25
C MET A 202 11.67 -9.96 9.35
N SER A 203 11.27 -11.17 9.00
CA SER A 203 10.55 -12.03 9.92
C SER A 203 11.26 -13.35 10.24
N VAL A 204 10.96 -13.84 11.44
CA VAL A 204 11.52 -15.07 12.00
C VAL A 204 10.47 -16.18 12.07
N ARG A 205 10.84 -17.39 11.61
CA ARG A 205 9.95 -18.54 11.64
C ARG A 205 9.12 -18.56 12.93
N GLY A 206 7.80 -18.53 12.78
CA GLY A 206 6.94 -18.56 13.95
C GLY A 206 6.08 -17.34 14.18
N CYS A 207 6.46 -16.18 13.66
CA CYS A 207 5.64 -15.00 13.89
C CYS A 207 4.37 -15.00 13.03
N TYR A 208 3.33 -14.39 13.57
CA TYR A 208 2.02 -14.31 12.93
C TYR A 208 1.44 -12.93 13.10
N THR A 209 1.09 -12.30 12.00
CA THR A 209 0.45 -10.99 12.07
C THR A 209 -1.02 -11.27 11.77
N ASP A 210 -1.88 -11.03 12.76
CA ASP A 210 -3.32 -11.27 12.64
C ASP A 210 -3.97 -10.43 11.51
N PHE A 211 -5.22 -10.72 11.20
CA PHE A 211 -5.92 -10.02 10.12
C PHE A 211 -5.98 -8.50 10.22
N HIS A 212 -5.62 -7.86 9.11
CA HIS A 212 -5.66 -6.41 9.02
C HIS A 212 -5.77 -6.00 7.55
N VAL A 213 -6.09 -4.73 7.35
CA VAL A 213 -6.18 -4.11 6.03
C VAL A 213 -5.11 -3.05 6.12
N ASP A 214 -4.14 -3.03 5.22
CA ASP A 214 -3.07 -2.02 5.31
C ASP A 214 -3.58 -0.58 5.42
N PHE A 215 -2.73 0.32 5.93
CA PHE A 215 -3.15 1.69 6.15
C PHE A 215 -3.54 2.56 4.97
N GLY A 216 -4.53 3.40 5.21
CA GLY A 216 -5.03 4.30 4.18
C GLY A 216 -5.59 3.57 2.98
N GLY A 217 -6.00 2.33 3.16
CA GLY A 217 -6.52 1.60 2.03
C GLY A 217 -5.50 1.54 0.92
N THR A 218 -4.22 1.42 1.25
CA THR A 218 -3.17 1.33 0.25
C THR A 218 -3.08 -0.05 -0.32
N SER A 219 -2.45 -0.17 -1.47
CA SER A 219 -2.21 -1.46 -2.08
C SER A 219 -0.77 -1.70 -1.65
N VAL A 220 -0.22 -2.85 -2.01
CA VAL A 220 1.15 -3.13 -1.62
C VAL A 220 1.77 -4.17 -2.51
N TRP A 221 3.04 -3.99 -2.82
CA TRP A 221 3.76 -4.96 -3.65
C TRP A 221 4.70 -5.72 -2.68
N TYR A 222 4.94 -7.01 -2.94
CA TYR A 222 5.73 -7.83 -2.04
C TYR A 222 6.71 -8.75 -2.76
N HIS A 223 7.98 -8.65 -2.40
CA HIS A 223 8.99 -9.51 -3.01
C HIS A 223 9.76 -10.31 -1.97
N ILE A 224 9.49 -11.61 -1.90
CA ILE A 224 10.21 -12.44 -0.92
C ILE A 224 11.60 -12.70 -1.47
N HIS A 225 12.57 -11.99 -0.91
CA HIS A 225 13.93 -12.14 -1.34
C HIS A 225 14.44 -13.50 -0.89
N GLN A 226 14.39 -13.72 0.42
CA GLN A 226 14.83 -14.98 0.97
C GLN A 226 13.80 -15.52 1.94
N GLY A 227 13.41 -16.79 1.74
CA GLY A 227 12.45 -17.41 2.62
C GLY A 227 11.08 -17.67 2.04
N GLY A 228 10.05 -17.41 2.82
CA GLY A 228 8.68 -17.61 2.38
C GLY A 228 7.66 -17.12 3.39
N LYS A 229 6.46 -16.80 2.91
CA LYS A 229 5.38 -16.31 3.76
C LYS A 229 4.05 -16.98 3.39
N VAL A 230 3.17 -17.17 4.37
CA VAL A 230 1.86 -17.77 4.12
C VAL A 230 0.83 -16.68 4.36
N PHE A 231 -0.05 -16.46 3.39
CA PHE A 231 -1.10 -15.43 3.52
C PHE A 231 -2.50 -16.00 3.55
N TRP A 232 -3.40 -15.29 4.23
CA TRP A 232 -4.82 -15.65 4.28
C TRP A 232 -5.49 -14.44 3.70
N LEU A 233 -6.05 -14.61 2.49
CA LEU A 233 -6.70 -13.54 1.78
C LEU A 233 -8.22 -13.52 1.94
N ILE A 234 -8.73 -12.33 2.25
CA ILE A 234 -10.16 -12.13 2.39
C ILE A 234 -10.53 -10.92 1.54
N PRO A 235 -11.56 -11.07 0.67
CA PRO A 235 -12.02 -9.98 -0.21
C PRO A 235 -12.80 -8.88 0.50
N PRO A 236 -12.57 -7.63 0.10
CA PRO A 236 -13.23 -6.44 0.66
C PRO A 236 -14.68 -6.29 0.22
N THR A 237 -15.40 -7.39 0.32
CA THR A 237 -16.81 -7.43 -0.01
C THR A 237 -17.51 -6.55 1.02
N ALA A 238 -18.58 -5.87 0.62
CA ALA A 238 -19.32 -5.02 1.55
C ALA A 238 -19.59 -5.79 2.84
N HIS A 239 -19.92 -7.07 2.69
CA HIS A 239 -20.20 -7.94 3.81
C HIS A 239 -18.92 -8.15 4.64
N ASN A 240 -17.85 -8.62 4.00
CA ASN A 240 -16.60 -8.84 4.74
C ASN A 240 -16.10 -7.58 5.44
N LEU A 241 -16.13 -6.44 4.78
CA LEU A 241 -15.68 -5.23 5.43
C LEU A 241 -16.55 -4.91 6.64
N GLU A 242 -17.79 -5.40 6.66
CA GLU A 242 -18.66 -5.19 7.79
C GLU A 242 -18.17 -6.05 8.95
N LEU A 243 -18.11 -7.36 8.70
CA LEU A 243 -17.64 -8.29 9.72
C LEU A 243 -16.32 -7.80 10.28
N TYR A 244 -15.45 -7.32 9.41
CA TYR A 244 -14.12 -6.85 9.79
C TYR A 244 -14.13 -5.68 10.75
N GLU A 245 -15.05 -4.73 10.56
CA GLU A 245 -15.09 -3.60 11.44
C GLU A 245 -15.64 -4.02 12.80
N ASN A 246 -16.79 -4.70 12.83
CA ASN A 246 -17.34 -5.14 14.11
C ASN A 246 -16.36 -6.01 14.88
N TRP A 247 -15.35 -6.53 14.19
CA TRP A 247 -14.35 -7.38 14.80
C TRP A 247 -13.27 -6.50 15.42
N LEU A 248 -13.00 -5.38 14.78
CA LEU A 248 -12.01 -4.47 15.29
C LEU A 248 -12.56 -3.79 16.52
N LEU A 249 -13.89 -3.67 16.57
CA LEU A 249 -14.54 -3.04 17.71
C LEU A 249 -14.66 -4.01 18.87
N SER A 250 -15.40 -5.09 18.68
CA SER A 250 -15.58 -6.07 19.75
C SER A 250 -14.26 -6.51 20.39
N GLY A 251 -13.13 -6.00 19.89
CA GLY A 251 -11.84 -6.36 20.48
C GLY A 251 -10.86 -7.21 19.66
N SER A 252 -11.17 -7.61 18.43
CA SER A 252 -10.19 -8.44 17.69
C SER A 252 -9.84 -9.64 18.59
N GLN A 253 -10.79 -9.97 19.45
CA GLN A 253 -10.66 -11.07 20.41
C GLN A 253 -9.39 -11.93 20.44
N GLY A 254 -8.97 -12.45 19.29
CA GLY A 254 -7.80 -13.31 19.27
C GLY A 254 -8.32 -14.70 19.58
N ASP A 255 -9.62 -14.75 19.82
CA ASP A 255 -10.32 -15.99 20.11
C ASP A 255 -10.98 -16.46 18.81
N ILE A 256 -11.14 -15.51 17.89
CA ILE A 256 -11.77 -15.76 16.60
C ILE A 256 -10.75 -15.61 15.48
N PHE A 257 -10.74 -16.56 14.55
CA PHE A 257 -9.87 -16.50 13.40
C PHE A 257 -10.80 -16.01 12.31
N LEU A 258 -10.71 -14.73 11.99
CA LEU A 258 -11.57 -14.12 11.00
C LEU A 258 -11.70 -14.94 9.72
N GLY A 259 -10.64 -15.65 9.36
CA GLY A 259 -10.69 -16.45 8.15
C GLY A 259 -11.84 -17.43 8.19
N ASP A 260 -12.20 -17.88 9.39
CA ASP A 260 -13.30 -18.81 9.54
C ASP A 260 -14.61 -18.10 9.59
N ARG A 261 -14.57 -16.79 9.80
CA ARG A 261 -15.78 -16.01 9.89
C ARG A 261 -16.40 -15.67 8.53
N VAL A 262 -15.59 -15.69 7.48
CA VAL A 262 -16.10 -15.37 6.15
C VAL A 262 -16.49 -16.63 5.39
N SER A 263 -17.34 -16.45 4.40
CA SER A 263 -17.78 -17.59 3.59
C SER A 263 -16.61 -18.22 2.82
N ASP A 264 -15.73 -17.40 2.27
CA ASP A 264 -14.57 -17.98 1.58
C ASP A 264 -13.30 -17.15 1.69
N CYS A 265 -12.22 -17.85 1.98
CA CYS A 265 -10.94 -17.23 2.21
C CYS A 265 -9.82 -18.04 1.55
N GLN A 266 -8.81 -17.36 1.04
CA GLN A 266 -7.72 -18.08 0.39
C GLN A 266 -6.38 -18.01 1.10
N ARG A 267 -5.86 -19.17 1.47
CA ARG A 267 -4.55 -19.24 2.11
C ARG A 267 -3.62 -19.53 0.95
N ILE A 268 -2.66 -18.64 0.73
CA ILE A 268 -1.70 -18.81 -0.35
C ILE A 268 -0.33 -18.86 0.25
N GLU A 269 0.61 -19.39 -0.50
CA GLU A 269 1.98 -19.52 -0.04
C GLU A 269 2.93 -18.76 -0.96
N LEU A 270 3.71 -17.86 -0.39
CA LEU A 270 4.68 -17.11 -1.16
C LEU A 270 6.05 -17.71 -0.93
N LYS A 271 6.71 -18.07 -2.04
CA LYS A 271 8.03 -18.65 -2.03
C LYS A 271 9.09 -17.58 -2.35
N GLN A 272 10.35 -18.00 -2.38
CA GLN A 272 11.45 -17.10 -2.68
C GLN A 272 11.38 -16.70 -4.15
N GLY A 273 11.40 -15.41 -4.44
CA GLY A 273 11.34 -14.99 -5.82
C GLY A 273 10.01 -14.42 -6.28
N TYR A 274 8.92 -14.86 -5.66
CA TYR A 274 7.59 -14.37 -6.02
C TYR A 274 7.46 -12.90 -5.68
N THR A 275 6.65 -12.21 -6.47
CA THR A 275 6.32 -10.82 -6.25
C THR A 275 4.81 -10.91 -5.99
N PHE A 276 4.34 -10.23 -4.95
CA PHE A 276 2.94 -10.28 -4.57
C PHE A 276 2.27 -8.90 -4.58
N VAL A 277 1.22 -8.72 -5.37
CA VAL A 277 0.52 -7.42 -5.37
C VAL A 277 -0.87 -7.52 -4.72
N ILE A 278 -1.06 -6.78 -3.64
CA ILE A 278 -2.34 -6.79 -2.91
C ILE A 278 -3.15 -5.52 -3.20
N PRO A 279 -4.36 -5.67 -3.74
CA PRO A 279 -5.16 -4.49 -4.05
C PRO A 279 -5.82 -3.89 -2.80
N SER A 280 -6.02 -2.58 -2.81
CA SER A 280 -6.63 -1.87 -1.69
C SER A 280 -7.85 -2.54 -1.07
N GLY A 281 -7.88 -2.56 0.26
CA GLY A 281 -9.02 -3.13 0.96
C GLY A 281 -8.98 -4.56 1.44
N TRP A 282 -8.12 -5.38 0.84
CA TRP A 282 -8.05 -6.77 1.23
C TRP A 282 -7.65 -7.00 2.67
N ILE A 283 -8.40 -7.86 3.34
CA ILE A 283 -8.16 -8.19 4.73
C ILE A 283 -7.29 -9.42 4.74
N HIS A 284 -6.06 -9.31 5.22
CA HIS A 284 -5.19 -10.48 5.25
C HIS A 284 -4.50 -10.67 6.58
N ALA A 285 -3.90 -11.83 6.74
CA ALA A 285 -3.17 -12.20 7.94
C ALA A 285 -1.91 -12.87 7.44
N VAL A 286 -0.79 -12.71 8.15
CA VAL A 286 0.43 -13.35 7.67
C VAL A 286 1.16 -14.20 8.70
N TYR A 287 1.73 -15.29 8.23
CA TYR A 287 2.50 -16.18 9.11
C TYR A 287 3.81 -16.52 8.40
N THR A 288 4.90 -16.48 9.15
CA THR A 288 6.21 -16.77 8.59
C THR A 288 6.68 -18.19 8.95
N PRO A 289 6.69 -19.09 7.95
CA PRO A 289 7.11 -20.48 8.19
C PRO A 289 8.61 -20.61 8.38
N THR A 290 9.37 -19.66 7.83
CA THR A 290 10.83 -19.68 7.96
C THR A 290 11.36 -18.25 7.99
N ASP A 291 12.52 -18.05 8.62
CA ASP A 291 13.13 -16.73 8.71
C ASP A 291 13.21 -16.13 7.31
N THR A 292 12.55 -15.00 7.12
CA THR A 292 12.53 -14.37 5.80
C THR A 292 12.92 -12.89 5.74
N LEU A 293 13.30 -12.51 4.52
CA LEU A 293 13.70 -11.14 4.20
C LEU A 293 12.85 -10.70 3.01
N VAL A 294 12.02 -9.69 3.23
CA VAL A 294 11.14 -9.19 2.18
C VAL A 294 11.33 -7.71 1.86
N PHE A 295 11.10 -7.37 0.59
CA PHE A 295 11.20 -5.99 0.13
C PHE A 295 9.91 -5.64 -0.59
N GLY A 296 9.20 -4.66 -0.06
CA GLY A 296 7.95 -4.23 -0.67
C GLY A 296 7.61 -2.79 -0.32
N GLY A 297 6.39 -2.35 -0.66
CA GLY A 297 6.00 -0.99 -0.37
C GLY A 297 4.52 -0.74 -0.60
N ASN A 298 3.97 0.23 0.12
CA ASN A 298 2.57 0.59 0.04
C ASN A 298 2.32 1.82 -0.82
N PHE A 299 1.39 1.71 -1.76
CA PHE A 299 1.08 2.83 -2.63
C PHE A 299 -0.41 3.09 -2.81
N LEU A 300 -0.75 4.29 -3.26
CA LEU A 300 -2.11 4.72 -3.51
C LEU A 300 -2.20 5.03 -5.00
N HIS A 301 -3.33 4.75 -5.64
CA HIS A 301 -3.41 5.08 -7.05
C HIS A 301 -4.79 5.64 -7.37
N SER A 302 -5.01 6.02 -8.63
CA SER A 302 -6.30 6.62 -8.97
C SER A 302 -7.44 5.69 -9.45
N PHE A 303 -7.15 4.41 -9.62
CA PHE A 303 -8.17 3.46 -10.09
C PHE A 303 -9.01 2.76 -9.02
N ASN A 304 -8.70 2.97 -7.75
CA ASN A 304 -9.48 2.33 -6.68
C ASN A 304 -9.64 3.34 -5.52
N ILE A 305 -10.05 4.55 -5.86
CA ILE A 305 -10.23 5.61 -4.89
C ILE A 305 -11.39 5.32 -3.94
N PRO A 306 -12.55 4.91 -4.48
CA PRO A 306 -13.64 4.65 -3.53
C PRO A 306 -13.28 3.66 -2.40
N MET A 307 -12.52 2.62 -2.73
CA MET A 307 -12.13 1.65 -1.71
C MET A 307 -11.14 2.28 -0.71
N GLN A 308 -10.18 3.04 -1.24
CA GLN A 308 -9.17 3.68 -0.38
C GLN A 308 -9.87 4.53 0.68
N LEU A 309 -10.81 5.37 0.23
CA LEU A 309 -11.56 6.21 1.15
C LEU A 309 -12.45 5.32 2.03
N LYS A 310 -12.97 4.25 1.45
CA LYS A 310 -13.84 3.35 2.20
C LYS A 310 -13.09 2.86 3.43
N ILE A 311 -11.77 2.74 3.30
CA ILE A 311 -10.95 2.25 4.38
C ILE A 311 -10.51 3.32 5.36
N TYR A 312 -10.41 4.55 4.90
CA TYR A 312 -10.03 5.64 5.78
C TYR A 312 -11.12 5.80 6.82
N ASN A 313 -12.36 5.74 6.34
CA ASN A 313 -13.54 5.89 7.20
C ASN A 313 -13.65 4.76 8.22
N ILE A 314 -13.08 3.61 7.91
CA ILE A 314 -13.11 2.50 8.84
C ILE A 314 -12.08 2.84 9.89
N GLU A 315 -10.95 3.35 9.42
CA GLU A 315 -9.89 3.74 10.32
C GLU A 315 -10.37 4.92 11.19
N ASP A 316 -11.29 5.72 10.66
CA ASP A 316 -11.84 6.83 11.43
C ASP A 316 -12.77 6.29 12.52
N ARG A 317 -13.80 5.54 12.13
CA ARG A 317 -14.76 4.98 13.09
C ARG A 317 -14.09 4.09 14.13
N THR A 318 -13.04 3.39 13.71
CA THR A 318 -12.29 2.48 14.57
C THR A 318 -11.25 3.24 15.40
N ARG A 319 -11.42 4.56 15.46
CA ARG A 319 -10.51 5.41 16.21
C ARG A 319 -9.06 4.93 16.17
N VAL A 320 -8.49 4.86 14.98
CA VAL A 320 -7.10 4.41 14.85
C VAL A 320 -6.17 5.56 15.27
N PRO A 321 -5.10 5.24 16.03
CA PRO A 321 -4.16 6.28 16.46
C PRO A 321 -3.56 7.06 15.31
N ASN A 322 -3.68 8.39 15.39
CA ASN A 322 -3.16 9.28 14.35
C ASN A 322 -1.67 9.11 14.09
N LYS A 323 -1.11 8.01 14.58
CA LYS A 323 0.30 7.72 14.39
C LYS A 323 0.46 6.87 13.14
N PHE A 324 -0.30 5.77 13.09
CA PHE A 324 -0.24 4.82 11.99
C PHE A 324 -1.14 5.19 10.82
N ARG A 325 -1.59 6.44 10.81
CA ARG A 325 -2.44 6.94 9.73
C ARG A 325 -1.57 7.30 8.53
N TYR A 326 -2.13 7.24 7.33
CA TYR A 326 -1.36 7.58 6.15
C TYR A 326 -1.05 9.07 6.20
N PRO A 327 0.24 9.45 6.10
CA PRO A 327 0.75 10.81 6.11
C PRO A 327 0.26 11.73 4.99
N PHE A 328 -0.46 12.78 5.38
CA PHE A 328 -1.02 13.77 4.43
C PHE A 328 -2.02 13.12 3.48
N TYR A 329 -2.97 12.37 4.02
CA TYR A 329 -3.94 11.68 3.19
C TYR A 329 -4.78 12.67 2.38
N TYR A 330 -5.64 13.41 3.07
CA TYR A 330 -6.50 14.40 2.44
C TYR A 330 -5.75 15.48 1.68
N GLU A 331 -4.47 15.65 2.00
CA GLU A 331 -3.66 16.66 1.32
C GLU A 331 -3.22 16.10 -0.01
N MET A 332 -3.02 14.79 -0.06
CA MET A 332 -2.61 14.15 -1.31
C MET A 332 -3.81 14.20 -2.24
N CYS A 333 -4.99 14.04 -1.66
CA CYS A 333 -6.20 14.07 -2.43
C CYS A 333 -6.30 15.37 -3.23
N TRP A 334 -6.14 16.52 -2.58
CA TRP A 334 -6.22 17.79 -3.31
C TRP A 334 -5.20 17.87 -4.44
N TYR A 335 -4.01 17.33 -4.23
CA TYR A 335 -3.05 17.38 -5.32
C TYR A 335 -3.52 16.46 -6.42
N VAL A 336 -4.25 15.41 -6.08
CA VAL A 336 -4.72 14.49 -7.12
C VAL A 336 -5.67 15.22 -8.05
N LEU A 337 -6.66 15.89 -7.46
CA LEU A 337 -7.62 16.62 -8.24
C LEU A 337 -6.94 17.67 -9.12
N GLU A 338 -6.06 18.46 -8.50
CA GLU A 338 -5.35 19.53 -9.21
C GLU A 338 -4.48 18.97 -10.34
N ARG A 339 -4.01 17.74 -10.23
CA ARG A 339 -3.20 17.17 -11.29
C ARG A 339 -4.13 16.76 -12.43
N TYR A 340 -5.26 16.17 -12.06
CA TYR A 340 -6.26 15.73 -13.03
C TYR A 340 -6.77 16.91 -13.81
N VAL A 341 -7.20 17.94 -13.09
CA VAL A 341 -7.70 19.14 -13.73
C VAL A 341 -6.63 19.85 -14.53
N TYR A 342 -5.36 19.66 -14.19
CA TYR A 342 -4.30 20.34 -14.93
C TYR A 342 -3.87 19.54 -16.13
N CYS A 343 -3.74 18.22 -15.96
CA CYS A 343 -3.36 17.36 -17.08
C CYS A 343 -4.46 17.30 -18.14
N ILE A 344 -5.68 17.64 -17.76
CA ILE A 344 -6.79 17.59 -18.72
C ILE A 344 -7.26 18.96 -19.19
N THR A 345 -7.31 19.94 -18.30
CA THR A 345 -7.77 21.29 -18.65
C THR A 345 -6.62 22.24 -18.96
N ASN A 346 -5.41 21.84 -18.57
CA ASN A 346 -4.24 22.67 -18.77
C ASN A 346 -4.49 23.95 -17.98
N ARG A 347 -5.29 23.83 -16.93
CA ARG A 347 -5.59 24.95 -16.03
C ARG A 347 -4.98 24.64 -14.66
N SER A 348 -3.84 25.27 -14.35
CA SER A 348 -3.19 25.04 -13.08
C SER A 348 -3.96 25.63 -11.91
N HIS A 349 -3.95 24.93 -10.77
CA HIS A 349 -4.65 25.40 -9.58
C HIS A 349 -3.69 25.52 -8.40
N LEU A 350 -2.42 25.25 -8.64
CA LEU A 350 -1.40 25.39 -7.61
C LEU A 350 -1.10 26.88 -7.56
N THR A 351 -0.27 27.29 -6.61
CA THR A 351 0.09 28.71 -6.51
C THR A 351 1.16 29.03 -7.54
N LYS A 352 1.44 30.31 -7.70
CA LYS A 352 2.44 30.77 -8.65
C LYS A 352 3.75 30.10 -8.28
N GLU A 353 4.08 30.18 -6.99
CA GLU A 353 5.31 29.60 -6.46
C GLU A 353 5.54 28.16 -6.93
N PHE A 354 4.58 27.29 -6.62
CA PHE A 354 4.69 25.88 -7.01
C PHE A 354 4.70 25.73 -8.50
N GLN A 355 4.01 26.63 -9.17
CA GLN A 355 3.93 26.56 -10.61
C GLN A 355 5.31 26.78 -11.20
N LYS A 356 6.07 27.72 -10.61
CA LYS A 356 7.43 28.01 -11.09
C LYS A 356 8.30 26.78 -10.81
N GLU A 357 8.26 26.33 -9.57
CA GLU A 357 9.04 25.18 -9.18
C GLU A 357 8.83 24.01 -10.12
N SER A 358 7.57 23.75 -10.49
CA SER A 358 7.26 22.65 -11.38
C SER A 358 7.82 22.84 -12.78
N LEU A 359 7.64 24.05 -13.29
CA LEU A 359 8.12 24.44 -14.62
C LEU A 359 9.64 24.42 -14.73
N SER A 360 10.30 24.91 -13.68
CA SER A 360 11.76 24.95 -13.67
C SER A 360 12.28 23.52 -13.75
N MET A 361 11.72 22.65 -12.92
CA MET A 361 12.10 21.26 -12.84
C MET A 361 11.87 20.52 -14.17
N ASP A 362 10.78 20.86 -14.87
CA ASP A 362 10.47 20.22 -16.17
C ASP A 362 11.56 20.60 -17.15
N LEU A 363 12.16 21.76 -16.90
CA LEU A 363 13.23 22.23 -17.75
C LEU A 363 14.54 22.11 -16.99
N GLU A 364 15.03 20.87 -16.91
CA GLU A 364 16.28 20.52 -16.27
C GLU A 364 16.68 19.14 -16.80
N GLN A 384 -10.03 15.27 -26.96
CA GLN A 384 -10.29 15.41 -25.50
C GLN A 384 -9.69 14.24 -24.74
N VAL A 385 -10.23 13.97 -23.55
CA VAL A 385 -9.77 12.87 -22.71
C VAL A 385 -10.92 11.88 -22.43
N HIS A 386 -10.59 10.61 -22.28
CA HIS A 386 -11.61 9.59 -21.98
C HIS A 386 -11.18 8.78 -20.78
N LEU A 387 -11.85 9.00 -19.67
CA LEU A 387 -11.49 8.31 -18.44
C LEU A 387 -12.20 6.98 -18.26
N THR A 388 -11.62 6.13 -17.42
CA THR A 388 -12.21 4.83 -17.11
C THR A 388 -13.34 5.12 -16.11
N HIS A 389 -14.25 4.17 -15.91
CA HIS A 389 -15.31 4.42 -14.94
C HIS A 389 -14.70 4.47 -13.54
N PHE A 390 -13.57 3.79 -13.38
CA PHE A 390 -12.85 3.73 -12.11
C PHE A 390 -12.43 5.14 -11.62
N GLU A 391 -11.79 5.90 -12.48
CA GLU A 391 -11.36 7.23 -12.10
C GLU A 391 -12.53 8.20 -11.96
N LEU A 392 -13.53 8.04 -12.82
CA LEU A 392 -14.71 8.89 -12.81
C LEU A 392 -15.49 8.76 -11.50
N GLU A 393 -15.66 7.52 -11.03
CA GLU A 393 -16.39 7.34 -9.79
C GLU A 393 -15.46 7.73 -8.67
N GLY A 394 -14.18 7.44 -8.84
CA GLY A 394 -13.21 7.78 -7.82
C GLY A 394 -13.13 9.28 -7.65
N LEU A 395 -13.04 10.02 -8.75
CA LEU A 395 -12.99 11.47 -8.61
C LEU A 395 -14.24 11.91 -7.87
N ARG A 396 -15.39 11.43 -8.32
CA ARG A 396 -16.66 11.76 -7.68
C ARG A 396 -16.54 11.61 -6.16
N CYS A 397 -15.86 10.54 -5.74
CA CYS A 397 -15.67 10.29 -4.32
C CYS A 397 -14.79 11.32 -3.63
N LEU A 398 -13.62 11.62 -4.19
CA LEU A 398 -12.76 12.61 -3.57
C LEU A 398 -13.54 13.93 -3.43
N VAL A 399 -14.32 14.28 -4.46
CA VAL A 399 -15.10 15.52 -4.44
C VAL A 399 -16.13 15.54 -3.32
N ASP A 400 -16.92 14.47 -3.21
CA ASP A 400 -17.91 14.42 -2.13
C ASP A 400 -17.26 14.38 -0.76
N LYS A 401 -16.18 13.61 -0.65
CA LYS A 401 -15.45 13.46 0.60
C LYS A 401 -14.90 14.80 1.05
N LEU A 402 -14.09 15.42 0.21
CA LEU A 402 -13.52 16.71 0.55
C LEU A 402 -14.61 17.73 0.89
N GLU A 403 -15.72 17.66 0.19
CA GLU A 403 -16.82 18.58 0.45
C GLU A 403 -17.53 18.30 1.78
N SER A 404 -17.45 17.07 2.27
CA SER A 404 -18.12 16.74 3.52
C SER A 404 -17.23 16.92 4.76
N LEU A 405 -16.05 17.49 4.57
CA LEU A 405 -15.14 17.69 5.69
C LEU A 405 -15.43 19.03 6.36
N PRO A 406 -15.51 19.05 7.70
CA PRO A 406 -15.77 20.33 8.36
C PRO A 406 -14.66 21.32 8.02
N LEU A 407 -15.09 22.53 7.65
CA LEU A 407 -14.21 23.61 7.23
C LEU A 407 -12.80 23.69 7.85
N HIS A 408 -12.69 23.51 9.16
CA HIS A 408 -11.37 23.60 9.78
C HIS A 408 -10.38 22.55 9.31
N LYS A 409 -10.77 21.30 9.27
CA LYS A 409 -9.85 20.25 8.84
C LYS A 409 -10.12 19.68 7.43
N LYS A 410 -10.12 20.55 6.43
CA LYS A 410 -10.31 20.14 5.05
C LYS A 410 -8.93 19.82 4.50
N CYS A 411 -7.94 19.97 5.37
CA CYS A 411 -6.55 19.70 5.04
C CYS A 411 -6.15 20.14 3.63
N VAL A 412 -6.45 21.38 3.28
CA VAL A 412 -6.06 21.89 1.96
C VAL A 412 -4.55 22.01 2.03
N PRO A 413 -3.83 21.39 1.08
CA PRO A 413 -2.37 21.45 1.08
C PRO A 413 -1.89 22.88 0.89
N THR A 414 -0.57 23.05 0.87
CA THR A 414 0.00 24.38 0.75
C THR A 414 0.10 24.95 -0.68
N GLY A 415 0.41 24.10 -1.65
CA GLY A 415 0.53 24.59 -3.02
C GLY A 415 -0.75 24.95 -3.76
N ILE A 416 -1.91 24.79 -3.13
CA ILE A 416 -3.15 25.10 -3.83
C ILE A 416 -3.77 26.45 -3.48
N GLU A 417 -3.91 27.27 -4.53
CA GLU A 417 -4.49 28.60 -4.45
C GLU A 417 -5.93 28.57 -3.96
N ASP A 418 -6.85 28.51 -4.90
CA ASP A 418 -8.27 28.48 -4.57
C ASP A 418 -8.80 27.05 -4.56
N GLU A 419 -9.29 26.60 -3.41
CA GLU A 419 -9.81 25.24 -3.29
C GLU A 419 -11.15 25.10 -3.97
N ASP A 420 -12.08 25.99 -3.61
CA ASP A 420 -13.41 25.96 -4.17
C ASP A 420 -13.42 26.07 -5.69
N ALA A 421 -12.50 26.86 -6.23
CA ALA A 421 -12.42 26.98 -7.68
C ALA A 421 -12.07 25.61 -8.24
N LEU A 422 -11.15 24.91 -7.55
CA LEU A 422 -10.74 23.58 -7.96
C LEU A 422 -11.94 22.65 -7.96
N ILE A 423 -12.53 22.44 -6.79
CA ILE A 423 -13.71 21.57 -6.66
C ILE A 423 -14.75 21.87 -7.73
N ALA A 424 -14.96 23.15 -7.99
CA ALA A 424 -15.92 23.55 -8.99
C ALA A 424 -15.43 23.10 -10.36
N ASP A 425 -14.13 23.29 -10.60
CA ASP A 425 -13.55 22.89 -11.88
C ASP A 425 -13.58 21.37 -12.06
N VAL A 426 -13.76 20.63 -10.97
CA VAL A 426 -13.79 19.19 -11.07
C VAL A 426 -15.22 18.72 -11.29
N LYS A 427 -16.16 19.35 -10.62
CA LYS A 427 -17.56 18.98 -10.77
C LYS A 427 -17.91 19.21 -12.22
N ILE A 428 -17.28 20.21 -12.82
CA ILE A 428 -17.53 20.54 -14.21
C ILE A 428 -16.86 19.53 -15.13
N LEU A 429 -15.63 19.15 -14.78
CA LEU A 429 -14.89 18.19 -15.58
C LEU A 429 -15.53 16.81 -15.45
N LEU A 430 -16.16 16.56 -14.30
CA LEU A 430 -16.81 15.27 -14.06
C LEU A 430 -18.13 15.15 -14.80
N GLU A 431 -18.68 16.26 -15.26
CA GLU A 431 -19.92 16.17 -15.98
C GLU A 431 -19.64 16.16 -17.48
N GLU A 432 -18.65 16.91 -17.91
CA GLU A 432 -18.28 16.93 -19.31
C GLU A 432 -17.80 15.56 -19.77
N LEU A 433 -17.07 14.86 -18.91
CA LEU A 433 -16.53 13.54 -19.27
C LEU A 433 -17.41 12.40 -18.82
N ALA A 434 -18.60 12.73 -18.33
CA ALA A 434 -19.52 11.71 -17.87
C ALA A 434 -19.60 10.58 -18.90
N ASN A 435 -19.60 10.92 -20.19
CA ASN A 435 -19.64 9.90 -21.24
C ASN A 435 -18.28 9.73 -21.89
N SER A 436 -17.56 8.76 -21.37
CA SER A 436 -16.24 8.42 -21.88
C SER A 436 -16.40 7.00 -22.40
N ASP A 437 -15.74 6.65 -23.50
CA ASP A 437 -15.90 5.29 -24.02
C ASP A 437 -14.88 4.39 -23.30
N PRO A 438 -15.34 3.33 -22.62
CA PRO A 438 -14.39 2.45 -21.94
C PRO A 438 -13.23 2.03 -22.85
N LYS A 439 -13.53 1.72 -24.11
CA LYS A 439 -12.49 1.33 -25.07
C LYS A 439 -11.48 2.45 -25.29
N LEU A 440 -11.96 3.64 -25.57
CA LEU A 440 -11.08 4.78 -25.83
C LEU A 440 -10.27 5.19 -24.58
N ALA A 441 -10.81 4.94 -23.39
CA ALA A 441 -10.08 5.31 -22.19
C ALA A 441 -8.80 4.48 -22.08
N LEU A 442 -8.87 3.22 -22.51
CA LEU A 442 -7.74 2.31 -22.46
C LEU A 442 -6.50 2.77 -23.28
N THR A 443 -5.99 3.97 -22.95
CA THR A 443 -4.84 4.53 -23.65
C THR A 443 -3.52 3.83 -23.42
N GLY A 444 -3.42 3.08 -22.33
CA GLY A 444 -2.17 2.40 -22.01
C GLY A 444 -1.26 3.27 -21.15
N VAL A 445 -1.58 4.55 -21.03
CA VAL A 445 -0.77 5.43 -20.20
C VAL A 445 -1.62 6.38 -19.36
N PRO A 446 -1.34 6.46 -18.05
CA PRO A 446 -2.12 7.35 -17.19
C PRO A 446 -2.10 8.78 -17.70
N ILE A 447 -3.24 9.48 -17.56
CA ILE A 447 -3.32 10.86 -18.01
C ILE A 447 -2.49 11.78 -17.11
N VAL A 448 -2.34 11.38 -15.84
CA VAL A 448 -1.52 12.14 -14.91
C VAL A 448 -0.11 11.58 -15.00
N GLN A 449 0.77 12.36 -15.61
CA GLN A 449 2.16 11.97 -15.81
C GLN A 449 2.95 13.29 -15.72
N TRP A 450 4.22 13.23 -15.28
CA TRP A 450 5.10 14.39 -15.13
C TRP A 450 4.77 15.10 -13.81
N PRO A 451 4.81 14.37 -12.68
CA PRO A 451 4.50 14.95 -11.37
C PRO A 451 4.66 16.44 -11.27
#